data_2NXF
#
_entry.id   2NXF
#
_cell.length_a   62.584
_cell.length_b   86.593
_cell.length_c   157.315
_cell.angle_alpha   90.00
_cell.angle_beta   90.00
_cell.angle_gamma   90.00
#
_symmetry.space_group_name_H-M   'C 2 2 21'
#
loop_
_entity.id
_entity.type
_entity.pdbx_description
1 polymer 'Putative dimetal phosphatase'
2 non-polymer 'ZINC ION'
3 non-polymer 'PHOSPHATE ION'
4 non-polymer ETHANOL
5 water water
#
_entity_poly.entity_id   1
_entity_poly.type   'polypeptide(L)'
_entity_poly.pdbx_seq_one_letter_code
;SEDPVFTFGLIADVQYADIEDGENYLRTRRRYYRGSADLLRDAVLQWRRERVQCVVQLGDIIDGHNRRRDASDRALDTV
(MSE)AELDACSVDVHHVWGNHEFYNFSRPSLLSSRLNSAQRTGTDTGSDLIGDDIYAYEFSPAPNFRFVLLDAYDLSVI
GREEESEKHTHSWRILTQHNHNLQDLNLPPVSVGLEQRFVKFNGGFSEQQLQWLDAVLTLSDHKQERVLIFSHLPVHPCA
ADPICLAWNHEAVLSVLRSHQSVLCFIAGHDHDGGRCTDSSGAQHITLEGVIETPPHSHAFATAYLYEDR(MSE)V
(MSE)KGRGRVEDLTITYS
;
_entity_poly.pdbx_strand_id   A
#
# COMPACT_ATOMS: atom_id res chain seq x y z
N ASP A 3 -24.38 -10.47 9.88
CA ASP A 3 -24.55 -10.08 8.43
C ASP A 3 -23.72 -8.84 8.03
N PRO A 4 -22.69 -9.01 7.15
CA PRO A 4 -21.77 -7.88 6.88
C PRO A 4 -22.36 -6.76 6.02
N VAL A 5 -21.96 -5.53 6.33
CA VAL A 5 -22.35 -4.36 5.56
C VAL A 5 -21.60 -4.33 4.23
N PHE A 6 -20.34 -4.79 4.25
CA PHE A 6 -19.49 -4.71 3.08
C PHE A 6 -18.38 -5.74 3.21
N THR A 7 -17.95 -6.29 2.07
CA THR A 7 -16.97 -7.38 2.04
C THR A 7 -15.97 -7.08 0.92
N PHE A 8 -14.67 -7.12 1.23
CA PHE A 8 -13.68 -6.78 0.18
C PHE A 8 -12.43 -7.63 0.30
N GLY A 9 -11.80 -7.92 -0.82
CA GLY A 9 -10.51 -8.64 -0.81
C GLY A 9 -9.33 -7.71 -0.55
N LEU A 10 -8.25 -8.24 0.02
CA LEU A 10 -7.01 -7.49 0.26
C LEU A 10 -5.80 -8.33 -0.13
N ILE A 11 -4.81 -7.69 -0.77
CA ILE A 11 -3.59 -8.41 -1.15
C ILE A 11 -2.48 -7.37 -1.30
N ALA A 12 -1.24 -7.78 -1.05
CA ALA A 12 -0.11 -6.84 -1.13
C ALA A 12 1.08 -7.46 -1.85
N ASP A 13 1.77 -6.62 -2.63
CA ASP A 13 3.15 -6.92 -3.09
C ASP A 13 3.20 -8.21 -3.90
N VAL A 14 2.31 -8.31 -4.88
CA VAL A 14 2.32 -9.44 -5.84
C VAL A 14 3.71 -9.47 -6.54
N GLN A 15 4.12 -8.32 -7.07
CA GLN A 15 5.45 -8.14 -7.64
C GLN A 15 5.79 -9.19 -8.70
N TYR A 16 4.81 -9.47 -9.55
CA TYR A 16 4.96 -10.46 -10.62
C TYR A 16 6.08 -10.06 -11.59
N ALA A 17 6.83 -11.06 -12.05
CA ALA A 17 7.72 -10.92 -13.21
C ALA A 17 7.96 -12.29 -13.80
N ASP A 18 8.13 -12.36 -15.11
CA ASP A 18 8.38 -13.62 -15.80
C ASP A 18 9.88 -13.93 -15.80
N ILE A 19 10.41 -14.15 -14.59
CA ILE A 19 11.84 -14.38 -14.40
C ILE A 19 12.04 -15.44 -13.31
N GLU A 20 13.24 -16.02 -13.24
CA GLU A 20 13.50 -17.04 -12.23
C GLU A 20 13.46 -16.43 -10.82
N ASP A 21 13.19 -17.27 -9.84
CA ASP A 21 13.20 -16.84 -8.44
C ASP A 21 14.50 -16.12 -8.08
N GLY A 22 14.36 -15.11 -7.25
CA GLY A 22 15.50 -14.35 -6.76
C GLY A 22 15.48 -14.27 -5.24
N GLU A 23 16.22 -13.29 -4.72
CA GLU A 23 16.28 -13.05 -3.28
C GLU A 23 16.17 -11.57 -3.03
N ASN A 24 16.00 -11.20 -1.75
CA ASN A 24 16.18 -9.81 -1.37
C ASN A 24 17.68 -9.47 -1.23
N TYR A 25 17.99 -8.18 -1.11
CA TYR A 25 19.37 -7.71 -0.95
C TYR A 25 20.18 -8.46 0.11
N LEU A 26 19.62 -8.60 1.31
CA LEU A 26 20.33 -9.24 2.41
C LEU A 26 20.37 -10.77 2.28
N ARG A 27 19.68 -11.31 1.25
CA ARG A 27 19.64 -12.75 0.96
C ARG A 27 19.09 -13.57 2.13
N THR A 28 18.00 -13.05 2.71
CA THR A 28 17.34 -13.69 3.84
C THR A 28 15.91 -14.07 3.47
N ARG A 29 15.45 -13.60 2.32
CA ARG A 29 14.11 -13.92 1.83
C ARG A 29 14.18 -14.22 0.34
N ARG A 30 13.43 -15.24 -0.09
CA ARG A 30 13.36 -15.61 -1.50
C ARG A 30 12.20 -14.86 -2.14
N ARG A 31 12.36 -14.49 -3.41
CA ARG A 31 11.31 -13.82 -4.18
C ARG A 31 10.79 -14.71 -5.32
N TYR A 32 9.51 -15.04 -5.25
CA TYR A 32 8.91 -16.06 -6.09
C TYR A 32 8.15 -15.36 -7.23
N TYR A 33 8.90 -14.84 -8.20
CA TYR A 33 8.34 -13.89 -9.18
C TYR A 33 7.21 -14.51 -10.02
N ARG A 34 7.46 -15.69 -10.56
CA ARG A 34 6.42 -16.33 -11.40
C ARG A 34 5.26 -16.86 -10.55
N GLY A 35 5.58 -17.43 -9.39
CA GLY A 35 4.56 -18.02 -8.50
C GLY A 35 3.55 -17.01 -8.00
N SER A 36 3.93 -15.73 -7.98
CA SER A 36 3.03 -14.68 -7.51
CA SER A 36 3.03 -14.67 -7.53
C SER A 36 1.73 -14.66 -8.31
N ALA A 37 1.82 -14.95 -9.60
CA ALA A 37 0.60 -14.95 -10.44
C ALA A 37 -0.33 -16.11 -10.10
N ASP A 38 0.26 -17.24 -9.66
CA ASP A 38 -0.51 -18.42 -9.23
C ASP A 38 -1.23 -18.12 -7.91
N LEU A 39 -0.54 -17.44 -6.98
CA LEU A 39 -1.18 -17.04 -5.73
C LEU A 39 -2.29 -16.03 -6.01
N LEU A 40 -2.03 -15.06 -6.88
CA LEU A 40 -3.05 -14.06 -7.25
C LEU A 40 -4.31 -14.72 -7.87
N ARG A 41 -4.09 -15.66 -8.80
N ARG A 41 -4.09 -15.66 -8.80
CA ARG A 41 -5.17 -16.41 -9.44
CA ARG A 41 -5.20 -16.37 -9.43
C ARG A 41 -6.04 -17.14 -8.41
C ARG A 41 -6.04 -17.09 -8.38
N ASP A 42 -5.37 -17.77 -7.44
CA ASP A 42 -6.10 -18.49 -6.39
C ASP A 42 -6.88 -17.55 -5.46
N ALA A 43 -6.26 -16.41 -5.11
CA ALA A 43 -6.97 -15.40 -4.29
C ALA A 43 -8.25 -14.95 -5.00
N VAL A 44 -8.12 -14.69 -6.30
CA VAL A 44 -9.25 -14.26 -7.13
C VAL A 44 -10.35 -15.31 -7.15
N LEU A 45 -9.97 -16.57 -7.34
CA LEU A 45 -10.94 -17.68 -7.25
C LEU A 45 -11.70 -17.66 -5.92
N GLN A 46 -10.98 -17.47 -4.82
CA GLN A 46 -11.59 -17.43 -3.49
C GLN A 46 -12.52 -16.21 -3.31
N TRP A 47 -12.07 -15.05 -3.78
CA TRP A 47 -12.88 -13.82 -3.67
C TRP A 47 -14.16 -13.93 -4.50
N ARG A 48 -14.08 -14.63 -5.63
CA ARG A 48 -15.27 -14.87 -6.46
C ARG A 48 -16.29 -15.70 -5.70
N ARG A 49 -15.84 -16.77 -5.05
CA ARG A 49 -16.74 -17.64 -4.26
C ARG A 49 -17.43 -16.86 -3.13
N GLU A 50 -16.66 -15.95 -2.56
CA GLU A 50 -17.10 -15.11 -1.44
C GLU A 50 -18.08 -14.00 -1.89
N ARG A 51 -18.20 -13.80 -3.20
CA ARG A 51 -18.99 -12.67 -3.77
C ARG A 51 -18.51 -11.30 -3.16
N VAL A 52 -17.18 -11.07 -3.14
CA VAL A 52 -16.64 -9.78 -2.59
C VAL A 52 -17.15 -8.59 -3.41
N GLN A 53 -17.30 -7.43 -2.78
N GLN A 53 -17.35 -7.43 -2.78
CA GLN A 53 -17.85 -6.26 -3.46
CA GLN A 53 -17.86 -6.25 -3.48
C GLN A 53 -16.79 -5.41 -4.15
C GLN A 53 -16.75 -5.54 -4.26
N CYS A 54 -15.53 -5.58 -3.73
CA CYS A 54 -14.37 -4.99 -4.39
C CYS A 54 -13.10 -5.64 -3.87
N VAL A 55 -11.97 -5.25 -4.46
CA VAL A 55 -10.67 -5.71 -3.99
C VAL A 55 -9.82 -4.45 -3.85
N VAL A 56 -8.99 -4.41 -2.81
CA VAL A 56 -7.95 -3.36 -2.70
C VAL A 56 -6.60 -4.06 -2.72
N GLN A 57 -5.75 -3.66 -3.64
CA GLN A 57 -4.39 -4.23 -3.65
C GLN A 57 -3.41 -3.12 -3.33
N LEU A 58 -2.45 -3.45 -2.47
CA LEU A 58 -1.66 -2.46 -1.75
C LEU A 58 -0.36 -2.04 -2.46
N GLY A 59 -0.21 -2.41 -3.74
CA GLY A 59 0.89 -1.87 -4.55
C GLY A 59 1.99 -2.89 -4.76
N ASP A 60 3.03 -2.45 -5.48
CA ASP A 60 4.07 -3.33 -5.98
C ASP A 60 3.44 -4.52 -6.69
N ILE A 61 2.49 -4.27 -7.59
CA ILE A 61 1.79 -5.39 -8.27
C ILE A 61 2.69 -6.07 -9.32
N ILE A 62 3.65 -5.33 -9.90
CA ILE A 62 4.65 -5.96 -10.76
C ILE A 62 6.02 -5.51 -10.32
N ASP A 63 7.04 -6.35 -10.51
CA ASP A 63 8.37 -6.02 -9.99
C ASP A 63 9.10 -5.02 -10.88
N GLY A 64 9.95 -4.20 -10.30
CA GLY A 64 10.82 -3.31 -11.07
C GLY A 64 11.76 -4.05 -12.01
N HIS A 65 12.02 -5.33 -11.75
CA HIS A 65 12.83 -6.13 -12.68
C HIS A 65 12.22 -6.18 -14.08
N ASN A 66 10.91 -6.00 -14.18
CA ASN A 66 10.28 -5.98 -15.49
C ASN A 66 10.83 -4.85 -16.39
N ARG A 67 11.09 -3.69 -15.79
CA ARG A 67 11.70 -2.57 -16.52
C ARG A 67 13.06 -2.99 -17.07
N ARG A 68 13.85 -3.67 -16.24
CA ARG A 68 15.19 -4.09 -16.63
C ARG A 68 15.20 -5.14 -17.74
N ARG A 69 14.09 -5.88 -17.91
CA ARG A 69 13.95 -6.77 -19.07
C ARG A 69 13.02 -6.25 -20.15
N ASP A 70 12.65 -4.98 -20.04
CA ASP A 70 11.81 -4.29 -21.02
C ASP A 70 10.48 -5.02 -21.23
N ALA A 71 9.88 -5.45 -20.12
CA ALA A 71 8.63 -6.23 -20.14
C ALA A 71 7.55 -5.65 -19.24
N SER A 72 7.67 -4.35 -18.90
CA SER A 72 6.71 -3.73 -17.96
C SER A 72 5.24 -3.87 -18.43
N ASP A 73 4.98 -3.56 -19.69
CA ASP A 73 3.59 -3.60 -20.18
C ASP A 73 3.02 -5.03 -20.18
N ARG A 74 3.81 -6.00 -20.62
CA ARG A 74 3.29 -7.38 -20.65
C ARG A 74 3.10 -7.95 -19.25
N ALA A 75 3.99 -7.58 -18.32
CA ALA A 75 3.84 -7.99 -16.93
C ALA A 75 2.56 -7.42 -16.34
N LEU A 76 2.31 -6.14 -16.58
CA LEU A 76 1.09 -5.53 -16.05
C LEU A 76 -0.12 -6.22 -16.67
N ASP A 77 -0.06 -6.51 -17.96
CA ASP A 77 -1.18 -7.18 -18.66
C ASP A 77 -1.50 -8.49 -17.97
N THR A 78 -0.45 -9.21 -17.58
CA THR A 78 -0.60 -10.52 -16.96
C THR A 78 -1.39 -10.44 -15.66
N VAL A 79 -0.99 -9.52 -14.78
CA VAL A 79 -1.67 -9.39 -13.49
C VAL A 79 -3.06 -8.79 -13.62
N ALA A 81 -5.07 -9.28 -16.17
CA ALA A 81 -5.90 -10.38 -16.65
C ALA A 81 -6.38 -11.27 -15.50
N GLU A 82 -5.51 -11.51 -14.51
CA GLU A 82 -5.92 -12.30 -13.35
C GLU A 82 -6.95 -11.56 -12.51
N LEU A 83 -6.73 -10.27 -12.29
CA LEU A 83 -7.67 -9.46 -11.50
C LEU A 83 -9.01 -9.23 -12.18
N ASP A 84 -9.00 -9.09 -13.50
CA ASP A 84 -10.25 -8.86 -14.24
C ASP A 84 -11.24 -10.02 -14.11
N ALA A 85 -10.71 -11.23 -13.90
CA ALA A 85 -11.51 -12.43 -13.73
C ALA A 85 -12.41 -12.36 -12.48
N CYS A 86 -12.10 -11.46 -11.55
CA CYS A 86 -12.89 -11.32 -10.32
CA CYS A 86 -12.90 -11.33 -10.33
C CYS A 86 -14.23 -10.62 -10.56
N SER A 87 -14.33 -9.87 -11.66
CA SER A 87 -15.57 -9.18 -12.06
C SER A 87 -16.11 -8.12 -11.10
N VAL A 88 -15.24 -7.54 -10.26
CA VAL A 88 -15.64 -6.41 -9.42
C VAL A 88 -14.57 -5.33 -9.46
N ASP A 89 -14.90 -4.15 -8.94
CA ASP A 89 -13.95 -3.04 -8.90
C ASP A 89 -12.70 -3.44 -8.12
N VAL A 90 -11.54 -3.12 -8.67
CA VAL A 90 -10.28 -3.29 -7.95
C VAL A 90 -9.66 -1.91 -7.74
N HIS A 91 -9.23 -1.65 -6.51
CA HIS A 91 -8.61 -0.37 -6.18
C HIS A 91 -7.12 -0.60 -6.03
N HIS A 92 -6.36 0.22 -6.75
CA HIS A 92 -4.92 0.02 -6.87
C HIS A 92 -4.18 1.13 -6.13
N VAL A 93 -3.36 0.72 -5.17
CA VAL A 93 -2.43 1.61 -4.47
C VAL A 93 -1.11 1.59 -5.24
N TRP A 94 -0.49 2.76 -5.43
CA TRP A 94 0.82 2.80 -6.12
C TRP A 94 1.97 2.73 -5.10
N GLY A 95 2.83 1.75 -5.31
CA GLY A 95 4.04 1.60 -4.49
C GLY A 95 5.33 1.83 -5.26
N ASN A 96 6.46 1.60 -4.60
CA ASN A 96 7.76 1.86 -5.25
C ASN A 96 7.96 1.14 -6.57
N HIS A 97 7.52 -0.11 -6.69
CA HIS A 97 7.72 -0.87 -7.93
C HIS A 97 6.90 -0.36 -9.10
N GLU A 98 5.72 0.21 -8.81
CA GLU A 98 5.00 0.93 -9.87
C GLU A 98 5.86 2.04 -10.44
N PHE A 99 6.48 2.83 -9.56
CA PHE A 99 7.33 3.94 -10.04
C PHE A 99 8.63 3.52 -10.73
N TYR A 100 9.14 2.35 -10.37
CA TYR A 100 10.31 1.81 -11.06
C TYR A 100 9.95 1.48 -12.50
N ASN A 101 8.72 1.02 -12.72
CA ASN A 101 8.28 0.64 -14.06
C ASN A 101 7.73 1.78 -14.91
N PHE A 102 6.99 2.69 -14.28
CA PHE A 102 6.19 3.69 -15.01
C PHE A 102 6.32 5.08 -14.41
N SER A 103 6.22 6.08 -15.28
CA SER A 103 6.10 7.48 -14.85
C SER A 103 4.69 7.72 -14.33
N ARG A 104 4.46 8.85 -13.63
CA ARG A 104 3.10 9.19 -13.18
C ARG A 104 2.11 9.38 -14.33
N PRO A 105 2.49 10.12 -15.40
CA PRO A 105 1.56 10.21 -16.53
C PRO A 105 1.18 8.83 -17.11
N SER A 106 2.17 7.94 -17.21
CA SER A 106 1.90 6.56 -17.63
C SER A 106 0.95 5.84 -16.68
N LEU A 107 1.22 5.95 -15.38
CA LEU A 107 0.35 5.32 -14.40
C LEU A 107 -1.07 5.91 -14.48
N LEU A 108 -1.18 7.23 -14.64
CA LEU A 108 -2.50 7.85 -14.70
C LEU A 108 -3.32 7.37 -15.90
N SER A 109 -2.66 7.06 -17.02
CA SER A 109 -3.36 6.61 -18.22
C SER A 109 -3.59 5.09 -18.24
N SER A 110 -3.14 4.41 -17.19
CA SER A 110 -3.13 2.94 -17.16
C SER A 110 -4.31 2.32 -16.41
N ARG A 111 -4.39 0.99 -16.45
CA ARG A 111 -5.40 0.23 -15.70
C ARG A 111 -5.21 0.37 -14.18
N LEU A 112 -4.03 0.85 -13.76
CA LEU A 112 -3.75 1.04 -12.32
C LEU A 112 -4.34 2.33 -11.72
N ASN A 113 -4.91 3.17 -12.57
CA ASN A 113 -5.60 4.35 -12.08
C ASN A 113 -7.06 3.97 -11.76
N SER A 114 -7.32 3.69 -10.49
CA SER A 114 -8.67 3.34 -10.06
C SER A 114 -9.44 4.52 -9.45
N ALA A 115 -8.87 5.71 -9.54
CA ALA A 115 -9.50 6.89 -8.92
C ALA A 115 -10.71 7.38 -9.71
N GLN A 116 -10.73 7.06 -11.00
CA GLN A 116 -11.73 7.48 -12.02
C GLN A 116 -11.19 8.65 -12.85
N GLY A 123 -17.28 11.13 -3.05
CA GLY A 123 -15.92 11.35 -2.58
C GLY A 123 -15.18 12.52 -3.22
N SER A 124 -13.85 12.42 -3.27
CA SER A 124 -12.98 13.47 -3.75
C SER A 124 -11.65 12.81 -4.12
N ASP A 125 -10.82 13.53 -4.85
CA ASP A 125 -9.50 13.00 -5.17
C ASP A 125 -8.53 14.14 -5.38
N LEU A 126 -7.24 13.82 -5.41
CA LEU A 126 -6.21 14.83 -5.58
C LEU A 126 -5.50 14.75 -6.94
N ILE A 127 -6.12 14.05 -7.88
CA ILE A 127 -5.50 13.84 -9.21
C ILE A 127 -5.18 15.18 -9.89
N GLY A 128 -6.09 16.14 -9.74
CA GLY A 128 -5.93 17.47 -10.36
C GLY A 128 -4.74 18.22 -9.78
N ASP A 129 -4.30 17.78 -8.60
CA ASP A 129 -3.16 18.32 -7.88
C ASP A 129 -1.90 17.46 -8.06
N ASP A 130 -1.96 16.53 -9.01
N ASP A 130 -1.95 16.52 -9.00
CA ASP A 130 -0.84 15.58 -9.28
CA ASP A 130 -0.83 15.60 -9.27
C ASP A 130 -0.45 14.73 -8.06
C ASP A 130 -0.45 14.72 -8.06
N ILE A 131 -1.46 14.29 -7.29
CA ILE A 131 -1.26 13.37 -6.16
C ILE A 131 -2.27 12.25 -6.38
N TYR A 132 -1.81 11.00 -6.32
CA TYR A 132 -2.70 9.86 -6.58
C TYR A 132 -3.30 9.40 -5.25
N ALA A 133 -4.32 10.13 -4.83
CA ALA A 133 -5.02 9.85 -3.59
C ALA A 133 -6.47 10.15 -3.83
N TYR A 134 -7.33 9.33 -3.23
CA TYR A 134 -8.77 9.53 -3.39
C TYR A 134 -9.53 8.86 -2.28
N GLU A 135 -10.80 9.25 -2.13
CA GLU A 135 -11.63 8.69 -1.09
C GLU A 135 -13.04 8.52 -1.63
N PHE A 136 -13.74 7.50 -1.10
CA PHE A 136 -15.10 7.22 -1.50
C PHE A 136 -15.79 6.43 -0.41
N SER A 137 -17.12 6.40 -0.46
CA SER A 137 -17.86 5.57 0.46
C SER A 137 -18.41 4.35 -0.26
N PRO A 138 -17.92 3.14 0.08
CA PRO A 138 -18.37 1.89 -0.54
C PRO A 138 -19.70 1.38 0.01
N ALA A 139 -20.11 1.88 1.19
CA ALA A 139 -21.26 1.35 1.93
C ALA A 139 -21.63 2.37 3.00
N PRO A 140 -22.89 2.38 3.44
CA PRO A 140 -23.34 3.37 4.42
C PRO A 140 -22.48 3.35 5.68
N ASN A 141 -22.03 4.54 6.11
CA ASN A 141 -21.26 4.72 7.35
C ASN A 141 -19.79 4.28 7.27
N PHE A 142 -19.33 3.95 6.06
CA PHE A 142 -17.92 3.57 5.84
C PHE A 142 -17.28 4.41 4.77
N ARG A 143 -15.99 4.66 4.92
CA ARG A 143 -15.26 5.46 3.94
C ARG A 143 -13.90 4.84 3.73
N PHE A 144 -13.48 4.74 2.46
CA PHE A 144 -12.13 4.27 2.10
C PHE A 144 -11.32 5.46 1.64
N VAL A 145 -10.05 5.50 2.04
CA VAL A 145 -9.13 6.55 1.61
C VAL A 145 -7.89 5.85 1.11
N LEU A 146 -7.46 6.14 -0.12
CA LEU A 146 -6.23 5.59 -0.65
C LEU A 146 -5.24 6.75 -0.72
N LEU A 147 -4.07 6.52 -0.13
CA LEU A 147 -3.02 7.56 -0.07
C LEU A 147 -1.88 7.26 -1.02
N ASP A 148 -1.14 8.34 -1.32
CA ASP A 148 0.00 8.33 -2.23
C ASP A 148 1.28 8.52 -1.39
N ALA A 149 1.90 7.41 -1.01
CA ALA A 149 3.06 7.45 -0.11
C ALA A 149 4.35 7.86 -0.83
N TYR A 150 4.27 8.07 -2.14
CA TYR A 150 5.41 8.57 -2.95
C TYR A 150 5.16 9.98 -3.52
N ASP A 151 4.20 10.66 -2.90
CA ASP A 151 3.91 12.06 -3.20
C ASP A 151 5.20 12.87 -3.03
N LEU A 152 5.84 12.72 -1.87
CA LEU A 152 7.22 13.18 -1.73
C LEU A 152 8.10 11.96 -1.96
N SER A 153 8.86 11.96 -3.05
CA SER A 153 9.80 10.88 -3.33
C SER A 153 10.75 11.34 -4.41
N VAL A 154 11.86 10.64 -4.55
CA VAL A 154 12.72 10.90 -5.69
C VAL A 154 12.40 9.95 -6.84
N ILE A 155 11.76 8.82 -6.54
CA ILE A 155 11.50 7.81 -7.55
C ILE A 155 10.17 8.04 -8.28
N GLY A 156 9.29 8.81 -7.66
CA GLY A 156 7.95 9.08 -8.21
C GLY A 156 7.66 10.52 -8.60
N ARG A 157 8.72 11.31 -8.73
CA ARG A 157 8.61 12.70 -9.18
C ARG A 157 9.70 12.99 -10.22
N GLU A 158 9.45 13.96 -11.11
CA GLU A 158 10.35 14.26 -12.22
C GLU A 158 11.52 15.12 -11.74
N GLU A 159 12.71 14.77 -12.21
CA GLU A 159 13.91 15.55 -11.91
C GLU A 159 13.63 17.02 -12.23
N GLU A 160 14.08 17.91 -11.34
CA GLU A 160 13.95 19.37 -11.51
C GLU A 160 12.59 19.96 -11.11
N SER A 161 11.59 19.09 -10.88
CA SER A 161 10.31 19.56 -10.34
C SER A 161 10.50 19.98 -8.90
N GLU A 162 9.66 20.92 -8.46
CA GLU A 162 9.67 21.43 -7.10
C GLU A 162 9.59 20.29 -6.10
N LYS A 163 8.67 19.36 -6.33
CA LYS A 163 8.48 18.26 -5.42
C LYS A 163 9.66 17.27 -5.40
N HIS A 164 10.25 17.00 -6.56
CA HIS A 164 11.44 16.13 -6.58
C HIS A 164 12.60 16.76 -5.83
N THR A 165 12.81 18.06 -6.06
CA THR A 165 13.90 18.80 -5.40
C THR A 165 13.68 18.79 -3.88
N HIS A 166 12.45 19.10 -3.45
CA HIS A 166 12.12 19.06 -2.04
C HIS A 166 12.41 17.69 -1.43
N SER A 167 11.94 16.64 -2.10
CA SER A 167 12.12 15.25 -1.67
C SER A 167 13.59 14.83 -1.62
N TRP A 168 14.36 15.26 -2.62
CA TRP A 168 15.78 14.95 -2.66
C TRP A 168 16.52 15.63 -1.50
N ARG A 169 16.13 16.86 -1.18
CA ARG A 169 16.71 17.57 -0.04
C ARG A 169 16.41 16.88 1.29
N ILE A 170 15.16 16.43 1.48
CA ILE A 170 14.76 15.69 2.68
C ILE A 170 15.56 14.39 2.79
N LEU A 171 15.57 13.62 1.70
CA LEU A 171 16.27 12.33 1.70
C LEU A 171 17.76 12.48 1.98
N THR A 172 18.42 13.42 1.29
CA THR A 172 19.88 13.55 1.42
C THR A 172 20.30 14.30 2.69
N GLN A 173 19.36 15.01 3.32
CA GLN A 173 19.63 15.56 4.66
C GLN A 173 19.79 14.45 5.69
N HIS A 174 19.07 13.34 5.48
CA HIS A 174 19.10 12.22 6.41
C HIS A 174 20.02 11.09 5.97
N ASN A 175 20.27 10.99 4.67
CA ASN A 175 21.04 9.89 4.11
C ASN A 175 22.17 10.39 3.22
N HIS A 176 23.40 10.18 3.66
CA HIS A 176 24.57 10.71 2.98
C HIS A 176 25.18 9.69 1.98
N ASN A 177 24.53 8.54 1.83
CA ASN A 177 24.96 7.51 0.88
C ASN A 177 24.56 7.93 -0.55
N LEU A 178 25.15 9.01 -1.05
CA LEU A 178 24.70 9.55 -2.35
C LEU A 178 24.93 8.58 -3.51
N GLN A 179 25.91 7.68 -3.35
CA GLN A 179 26.24 6.69 -4.37
C GLN A 179 25.19 5.57 -4.46
N ASP A 180 24.45 5.36 -3.38
CA ASP A 180 23.34 4.40 -3.38
C ASP A 180 22.39 4.70 -2.25
N LEU A 181 21.38 5.52 -2.57
CA LEU A 181 20.42 5.96 -1.56
C LEU A 181 19.40 4.88 -1.12
N ASN A 182 19.51 3.68 -1.68
CA ASN A 182 18.72 2.53 -1.18
C ASN A 182 19.35 1.94 0.09
N LEU A 183 20.59 2.32 0.38
CA LEU A 183 21.26 1.87 1.60
C LEU A 183 20.91 2.82 2.75
N PRO A 184 20.40 2.27 3.86
CA PRO A 184 19.95 3.15 4.93
C PRO A 184 21.13 3.86 5.60
N PRO A 185 20.90 5.04 6.19
CA PRO A 185 21.99 5.83 6.76
C PRO A 185 22.52 5.24 8.07
N VAL A 186 21.70 4.42 8.72
CA VAL A 186 22.04 3.75 9.97
C VAL A 186 21.52 2.31 9.92
N SER A 187 21.99 1.45 10.82
CA SER A 187 21.50 0.07 10.84
C SER A 187 20.50 -0.21 11.98
N VAL A 188 20.31 0.79 12.85
CA VAL A 188 19.37 0.67 13.97
CA VAL A 188 19.41 0.68 14.00
C VAL A 188 18.53 1.94 14.11
N GLY A 189 17.30 1.76 14.58
CA GLY A 189 16.42 2.90 14.85
C GLY A 189 15.60 3.39 13.67
N LEU A 190 14.78 4.41 13.91
CA LEU A 190 13.82 4.88 12.90
C LEU A 190 14.43 5.63 11.72
N GLU A 191 15.66 6.11 11.85
CA GLU A 191 16.32 6.84 10.74
C GLU A 191 16.62 5.94 9.54
N GLN A 192 16.54 4.62 9.74
CA GLN A 192 16.66 3.67 8.63
C GLN A 192 15.69 3.96 7.48
N ARG A 193 14.56 4.59 7.81
CA ARG A 193 13.48 4.81 6.82
C ARG A 193 13.87 5.77 5.71
N PHE A 194 14.93 6.55 5.91
CA PHE A 194 15.34 7.55 4.92
C PHE A 194 16.18 6.93 3.82
N VAL A 195 15.47 6.22 2.95
CA VAL A 195 16.03 5.52 1.80
C VAL A 195 15.17 5.84 0.57
N LYS A 196 15.77 5.66 -0.60
CA LYS A 196 15.20 6.02 -1.89
C LYS A 196 13.95 5.20 -2.24
N PHE A 197 13.84 4.00 -1.66
CA PHE A 197 12.66 3.17 -1.94
C PHE A 197 11.44 3.50 -1.07
N ASN A 198 11.58 4.51 -0.20
CA ASN A 198 10.47 5.06 0.55
C ASN A 198 10.08 6.46 0.06
N GLY A 199 9.14 7.05 0.76
CA GLY A 199 8.63 8.35 0.38
C GLY A 199 7.78 8.88 1.51
N GLY A 200 7.22 10.06 1.28
CA GLY A 200 6.36 10.67 2.26
C GLY A 200 5.11 11.32 1.66
N PHE A 201 4.35 11.94 2.56
CA PHE A 201 3.07 12.56 2.19
C PHE A 201 3.22 14.09 2.28
N SER A 202 2.86 14.79 1.19
CA SER A 202 2.98 16.25 1.19
C SER A 202 2.02 16.90 2.19
N GLU A 203 2.34 18.13 2.59
CA GLU A 203 1.47 18.91 3.45
C GLU A 203 0.07 19.01 2.81
N GLN A 204 0.03 19.17 1.48
CA GLN A 204 -1.25 19.27 0.78
C GLN A 204 -2.06 17.99 0.97
N GLN A 205 -1.37 16.84 0.81
CA GLN A 205 -2.05 15.55 0.99
C GLN A 205 -2.51 15.35 2.44
N LEU A 206 -1.66 15.71 3.41
CA LEU A 206 -2.05 15.54 4.83
C LEU A 206 -3.22 16.42 5.22
N GLN A 207 -3.25 17.64 4.69
CA GLN A 207 -4.34 18.58 4.97
C GLN A 207 -5.65 18.02 4.44
N TRP A 208 -5.60 17.39 3.27
CA TRP A 208 -6.79 16.76 2.70
C TRP A 208 -7.23 15.54 3.54
N LEU A 209 -6.30 14.67 3.88
CA LEU A 209 -6.62 13.52 4.73
C LEU A 209 -7.26 14.02 6.04
N ASP A 210 -6.64 15.01 6.67
CA ASP A 210 -7.18 15.58 7.91
C ASP A 210 -8.62 16.10 7.75
N ALA A 211 -8.88 16.75 6.61
CA ALA A 211 -10.23 17.27 6.31
C ALA A 211 -11.23 16.14 6.11
N VAL A 212 -10.84 15.13 5.34
CA VAL A 212 -11.69 13.93 5.13
C VAL A 212 -12.07 13.33 6.49
N LEU A 213 -11.08 13.20 7.37
CA LEU A 213 -11.34 12.60 8.68
C LEU A 213 -12.22 13.43 9.60
N THR A 214 -12.08 14.76 9.54
CA THR A 214 -12.94 15.67 10.30
C THR A 214 -14.41 15.46 9.87
N LEU A 215 -14.64 15.39 8.56
CA LEU A 215 -15.98 15.21 8.07
C LEU A 215 -16.51 13.83 8.46
N SER A 216 -15.66 12.80 8.35
CA SER A 216 -16.02 11.45 8.80
C SER A 216 -16.38 11.38 10.28
N ASP A 217 -15.64 12.11 11.12
CA ASP A 217 -15.97 12.20 12.56
C ASP A 217 -17.42 12.66 12.73
N HIS A 218 -17.76 13.77 12.07
CA HIS A 218 -19.09 14.35 12.25
C HIS A 218 -20.20 13.54 11.61
N LYS A 219 -19.87 12.76 10.61
CA LYS A 219 -20.84 11.85 9.99
C LYS A 219 -20.91 10.48 10.67
N GLN A 220 -20.10 10.30 11.72
CA GLN A 220 -19.97 9.03 12.42
C GLN A 220 -19.67 7.88 11.47
N GLU A 221 -18.79 8.15 10.50
CA GLU A 221 -18.28 7.12 9.62
C GLU A 221 -17.09 6.41 10.24
N ARG A 222 -16.86 5.18 9.79
CA ARG A 222 -15.64 4.43 10.10
C ARG A 222 -14.77 4.46 8.87
N VAL A 223 -13.53 4.88 9.04
CA VAL A 223 -12.65 5.12 7.89
C VAL A 223 -11.50 4.12 7.82
N LEU A 224 -11.33 3.51 6.65
CA LEU A 224 -10.23 2.61 6.40
C LEU A 224 -9.29 3.34 5.45
N ILE A 225 -8.01 3.36 5.81
CA ILE A 225 -6.99 4.11 5.06
C ILE A 225 -5.98 3.14 4.52
N PHE A 226 -5.62 3.31 3.24
CA PHE A 226 -4.73 2.36 2.56
C PHE A 226 -3.54 3.13 2.02
N SER A 227 -2.35 2.59 2.21
CA SER A 227 -1.12 3.26 1.79
C SER A 227 -0.10 2.18 1.41
N HIS A 228 0.78 2.42 0.43
CA HIS A 228 1.76 1.35 0.20
C HIS A 228 2.64 1.22 1.46
N LEU A 229 2.98 2.36 2.05
CA LEU A 229 3.90 2.40 3.18
C LEU A 229 3.19 2.44 4.53
N PRO A 230 3.69 1.63 5.49
CA PRO A 230 3.20 1.72 6.87
C PRO A 230 3.70 3.00 7.55
N VAL A 231 2.98 3.39 8.61
CA VAL A 231 3.37 4.61 9.35
C VAL A 231 3.56 4.38 10.85
N HIS A 232 3.15 3.22 11.38
CA HIS A 232 3.32 3.00 12.83
C HIS A 232 4.51 2.06 13.08
N PRO A 233 5.52 2.52 13.86
CA PRO A 233 6.67 1.69 14.13
C PRO A 233 6.39 0.30 14.74
N CYS A 234 5.23 0.13 15.39
N CYS A 234 5.24 0.13 15.38
CA CYS A 234 4.84 -1.18 15.96
CA CYS A 234 4.90 -1.17 15.96
C CYS A 234 4.36 -2.16 14.90
C CYS A 234 4.23 -2.11 14.95
N ALA A 235 4.06 -1.64 13.71
CA ALA A 235 3.43 -2.44 12.66
C ALA A 235 4.34 -2.80 11.49
N ALA A 236 5.60 -2.38 11.54
CA ALA A 236 6.52 -2.65 10.42
C ALA A 236 7.94 -2.42 10.85
N ASP A 237 8.88 -3.00 10.11
CA ASP A 237 10.29 -2.73 10.33
C ASP A 237 10.56 -1.24 10.05
N PRO A 238 11.42 -0.59 10.86
CA PRO A 238 11.72 0.84 10.66
C PRO A 238 12.16 1.17 9.23
N ILE A 239 12.85 0.27 8.55
CA ILE A 239 13.32 0.58 7.20
C ILE A 239 12.17 0.73 6.22
N CYS A 240 10.98 0.27 6.60
CA CYS A 240 9.83 0.30 5.70
C CYS A 240 8.87 1.47 5.93
N LEU A 241 9.16 2.32 6.92
CA LEU A 241 8.19 3.39 7.27
C LEU A 241 8.26 4.57 6.32
N ALA A 242 7.12 5.23 6.13
CA ALA A 242 7.10 6.52 5.41
C ALA A 242 8.05 7.54 6.02
N TRP A 243 8.63 8.37 5.17
CA TRP A 243 9.55 9.40 5.65
C TRP A 243 8.99 10.27 6.79
N ASN A 244 7.75 10.73 6.61
CA ASN A 244 7.12 11.56 7.63
C ASN A 244 6.01 10.79 8.32
N HIS A 245 6.31 9.56 8.72
CA HIS A 245 5.29 8.69 9.32
C HIS A 245 4.65 9.35 10.57
N GLU A 246 5.43 10.09 11.35
CA GLU A 246 4.91 10.68 12.58
C GLU A 246 3.87 11.77 12.27
N ALA A 247 4.05 12.46 11.15
CA ALA A 247 3.07 13.46 10.70
C ALA A 247 1.74 12.81 10.41
N VAL A 248 1.79 11.61 9.84
CA VAL A 248 0.56 10.84 9.57
C VAL A 248 -0.09 10.39 10.87
N LEU A 249 0.72 9.85 11.78
CA LEU A 249 0.18 9.40 13.08
C LEU A 249 -0.49 10.55 13.81
N SER A 250 0.11 11.74 13.75
CA SER A 250 -0.48 12.90 14.42
CA SER A 250 -0.47 12.91 14.42
C SER A 250 -1.88 13.21 13.90
N VAL A 251 -2.06 13.10 12.58
CA VAL A 251 -3.39 13.27 11.96
C VAL A 251 -4.36 12.17 12.42
N LEU A 252 -3.93 10.92 12.33
CA LEU A 252 -4.81 9.80 12.67
C LEU A 252 -5.29 9.87 14.11
N ARG A 253 -4.38 10.24 15.02
CA ARG A 253 -4.68 10.29 16.45
C ARG A 253 -5.68 11.37 16.83
N SER A 254 -5.87 12.33 15.93
CA SER A 254 -6.82 13.43 16.09
C SER A 254 -8.26 13.06 15.76
N HIS A 255 -8.48 11.86 15.22
CA HIS A 255 -9.79 11.52 14.65
C HIS A 255 -10.29 10.15 15.08
N GLN A 256 -11.42 10.15 15.80
CA GLN A 256 -12.05 8.91 16.24
C GLN A 256 -12.63 8.06 15.10
N SER A 257 -12.82 8.67 13.92
CA SER A 257 -13.37 7.94 12.78
C SER A 257 -12.40 6.91 12.17
N VAL A 258 -11.11 7.02 12.48
CA VAL A 258 -10.13 6.08 11.92
C VAL A 258 -10.38 4.67 12.49
N LEU A 259 -10.61 3.72 11.59
CA LEU A 259 -10.81 2.34 11.99
C LEU A 259 -9.47 1.62 11.88
N CYS A 260 -8.86 1.70 10.70
CA CYS A 260 -7.58 1.02 10.49
C CYS A 260 -6.78 1.68 9.40
N PHE A 261 -5.48 1.42 9.45
CA PHE A 261 -4.54 1.91 8.47
C PHE A 261 -3.86 0.66 7.92
N ILE A 262 -4.04 0.42 6.63
CA ILE A 262 -3.60 -0.85 6.02
C ILE A 262 -2.53 -0.56 4.99
N ALA A 263 -1.41 -1.26 5.09
CA ALA A 263 -0.28 -1.00 4.20
C ALA A 263 0.34 -2.30 3.71
N GLY A 264 1.22 -2.19 2.72
CA GLY A 264 2.03 -3.33 2.25
C GLY A 264 3.47 -2.96 2.52
N HIS A 265 4.33 -3.21 1.53
CA HIS A 265 5.75 -2.80 1.51
C HIS A 265 6.65 -3.65 2.37
N ASP A 266 6.33 -3.80 3.66
CA ASP A 266 7.13 -4.70 4.51
C ASP A 266 6.58 -6.10 4.30
N HIS A 267 7.29 -6.90 3.49
CA HIS A 267 6.76 -8.22 3.07
C HIS A 267 6.60 -9.19 4.23
N ASP A 268 7.30 -8.93 5.34
CA ASP A 268 7.17 -9.75 6.55
C ASP A 268 5.84 -9.54 7.27
N GLY A 269 5.19 -8.41 6.99
CA GLY A 269 3.93 -8.04 7.65
C GLY A 269 4.12 -7.58 9.10
N GLY A 270 3.03 -7.07 9.68
CA GLY A 270 3.06 -6.63 11.06
C GLY A 270 1.68 -6.12 11.40
N ARG A 271 1.43 -5.90 12.68
CA ARG A 271 0.14 -5.37 13.12
C ARG A 271 0.24 -4.89 14.55
N CYS A 272 -0.53 -3.86 14.88
CA CYS A 272 -0.61 -3.38 16.26
C CYS A 272 -1.77 -2.42 16.38
N THR A 273 -2.19 -2.18 17.62
CA THR A 273 -3.20 -1.19 17.91
C THR A 273 -2.48 0.03 18.50
N ASP A 274 -2.75 1.21 17.94
CA ASP A 274 -2.20 2.44 18.51
C ASP A 274 -2.88 2.74 19.85
N SER A 275 -2.25 3.57 20.68
CA SER A 275 -2.89 3.99 21.95
C SER A 275 -4.26 4.66 21.74
N SER A 276 -4.47 5.23 20.55
CA SER A 276 -5.77 5.81 20.15
C SER A 276 -6.86 4.76 19.93
N GLY A 277 -6.48 3.51 19.71
CA GLY A 277 -7.43 2.43 19.39
C GLY A 277 -7.45 2.04 17.92
N ALA A 278 -6.87 2.89 17.07
CA ALA A 278 -6.77 2.60 15.65
C ALA A 278 -5.89 1.39 15.41
N GLN A 279 -6.32 0.52 14.51
CA GLN A 279 -5.57 -0.67 14.19
C GLN A 279 -4.67 -0.40 12.99
N HIS A 280 -3.38 -0.76 13.10
CA HIS A 280 -2.48 -0.75 11.95
C HIS A 280 -2.24 -2.15 11.48
N ILE A 281 -2.38 -2.36 10.17
CA ILE A 281 -2.18 -3.69 9.59
C ILE A 281 -1.20 -3.55 8.42
N THR A 282 -0.12 -4.31 8.48
CA THR A 282 0.81 -4.37 7.36
C THR A 282 0.72 -5.78 6.79
N LEU A 283 0.19 -5.89 5.57
CA LEU A 283 -0.05 -7.19 4.97
C LEU A 283 1.24 -7.86 4.52
N GLU A 284 1.37 -9.14 4.87
CA GLU A 284 2.46 -9.99 4.38
C GLU A 284 2.46 -9.98 2.85
N GLY A 285 3.66 -10.02 2.25
CA GLY A 285 3.76 -9.81 0.79
C GLY A 285 3.72 -11.12 0.03
N VAL A 286 2.94 -11.12 -1.04
CA VAL A 286 2.82 -12.29 -1.91
C VAL A 286 4.17 -12.70 -2.49
N ILE A 287 4.97 -11.70 -2.88
CA ILE A 287 6.25 -12.02 -3.54
C ILE A 287 7.19 -12.88 -2.71
N GLU A 288 7.15 -12.75 -1.38
CA GLU A 288 8.07 -13.57 -0.56
C GLU A 288 7.39 -14.81 0.00
N THR A 289 6.21 -15.12 -0.54
CA THR A 289 5.42 -16.30 -0.15
C THR A 289 5.69 -17.50 -1.12
N PRO A 290 6.20 -18.64 -0.61
CA PRO A 290 6.42 -19.78 -1.52
C PRO A 290 5.12 -20.44 -1.95
N PRO A 291 5.16 -21.26 -3.02
CA PRO A 291 3.96 -21.89 -3.55
C PRO A 291 3.22 -22.78 -2.55
N HIS A 292 3.91 -23.28 -1.53
CA HIS A 292 3.24 -24.11 -0.52
C HIS A 292 2.51 -23.28 0.55
N SER A 293 2.57 -21.95 0.40
CA SER A 293 1.98 -21.05 1.39
C SER A 293 0.96 -20.11 0.69
N HIS A 294 0.61 -19.00 1.33
CA HIS A 294 -0.28 -18.01 0.70
C HIS A 294 -0.13 -16.71 1.45
N ALA A 295 -0.69 -15.65 0.88
CA ALA A 295 -0.80 -14.36 1.58
C ALA A 295 -1.84 -13.47 0.94
N PHE A 296 -3.06 -13.55 1.46
CA PHE A 296 -4.08 -12.59 1.09
C PHE A 296 -5.15 -12.65 2.16
N ALA A 297 -6.14 -11.77 2.05
CA ALA A 297 -7.22 -11.79 3.01
C ALA A 297 -8.54 -11.37 2.39
N THR A 298 -9.61 -11.56 3.15
CA THR A 298 -10.90 -10.96 2.86
C THR A 298 -11.36 -10.27 4.15
N ALA A 299 -11.84 -9.04 4.01
CA ALA A 299 -12.29 -8.29 5.16
C ALA A 299 -13.80 -8.14 5.11
N TYR A 300 -14.40 -8.28 6.28
CA TYR A 300 -15.83 -8.17 6.45
C TYR A 300 -16.12 -7.03 7.44
N LEU A 301 -16.85 -6.01 6.96
CA LEU A 301 -17.26 -4.89 7.80
C LEU A 301 -18.67 -5.15 8.27
N TYR A 302 -18.83 -5.32 9.59
CA TYR A 302 -20.14 -5.44 10.20
C TYR A 302 -20.49 -4.13 10.89
N GLU A 303 -21.67 -4.06 11.48
CA GLU A 303 -22.08 -2.85 12.17
C GLU A 303 -21.30 -2.62 13.47
N ASP A 304 -20.72 -3.68 14.03
CA ASP A 304 -20.04 -3.58 15.33
C ASP A 304 -18.56 -3.98 15.35
N ARG A 305 -18.07 -4.53 14.25
CA ARG A 305 -16.70 -5.04 14.17
C ARG A 305 -16.28 -5.24 12.73
N VAL A 307 -13.92 -8.01 10.62
CA VAL A 307 -13.23 -9.30 10.72
C VAL A 307 -12.40 -9.50 9.46
N LYS A 309 -10.20 -12.21 7.43
CA LYS A 309 -9.89 -13.62 7.32
C LYS A 309 -8.68 -13.78 6.42
N GLY A 310 -7.55 -14.16 7.03
CA GLY A 310 -6.29 -14.26 6.30
C GLY A 310 -6.03 -15.69 5.92
N ARG A 311 -5.20 -15.86 4.89
CA ARG A 311 -4.75 -17.16 4.43
C ARG A 311 -3.23 -17.24 4.49
N GLY A 312 -2.74 -18.43 4.84
CA GLY A 312 -1.32 -18.71 4.79
C GLY A 312 -0.56 -17.87 5.80
N ARG A 313 0.27 -16.96 5.30
CA ARG A 313 1.10 -16.11 6.16
C ARG A 313 0.32 -15.00 6.86
N VAL A 314 -0.90 -14.72 6.38
CA VAL A 314 -1.72 -13.64 6.97
C VAL A 314 -2.65 -14.20 8.05
N GLU A 315 -2.47 -13.76 9.30
CA GLU A 315 -3.35 -14.25 10.38
C GLU A 315 -4.66 -13.47 10.41
N ASP A 316 -5.72 -14.12 10.89
CA ASP A 316 -7.01 -13.42 11.06
C ASP A 316 -6.85 -12.28 12.06
N LEU A 317 -7.79 -11.34 12.02
CA LEU A 317 -7.82 -10.24 12.96
C LEU A 317 -9.24 -9.74 13.08
N THR A 318 -9.65 -9.39 14.30
CA THR A 318 -10.94 -8.76 14.51
C THR A 318 -10.73 -7.41 15.19
N ILE A 319 -11.36 -6.37 14.66
CA ILE A 319 -11.37 -5.07 15.33
C ILE A 319 -12.78 -4.79 15.82
N THR A 320 -12.93 -4.69 17.14
CA THR A 320 -14.22 -4.31 17.72
C THR A 320 -14.29 -2.78 17.70
N TYR A 321 -15.42 -2.23 17.26
CA TYR A 321 -15.51 -0.78 17.06
C TYR A 321 -15.61 -0.06 18.40
N SER A 322 -15.00 1.12 18.48
CA SER A 322 -15.08 1.98 19.67
C SER A 322 -16.46 2.62 19.70
#